data_7PG7
#
_entry.id   7PG7
#
_cell.length_a   122.835
_cell.length_b   39.692
_cell.length_c   97.977
_cell.angle_alpha   90.000
_cell.angle_beta   114.076
_cell.angle_gamma   90.000
#
_symmetry.space_group_name_H-M   'C 1 2 1'
#
loop_
_entity.id
_entity.type
_entity.pdbx_description
1 polymer Methyltransferase
2 non-polymer S-ADENOSYL-L-HOMOCYSTEINE
3 water water
#
_entity_poly.entity_id   1
_entity_poly.type   'polypeptide(L)'
_entity_poly.pdbx_seq_one_letter_code
;MAHHHHHHHRSSGTDAGTAGTAGTAGAGAGGDRQHVDALVRMSNLVTPMALRVAATLRLVDHLRAGATSADALADATGAD
ADALARLMRHLAAAGVLEEPEPGHYAPTGLGDLLADDHPSRQRSWLDLDQAVGRADLTFLGLREAVRTGRPQYEARYGKP
FWTDLSEDDGLGASFDALMTTREDTAFAAPVAAYDWTRARHVLDVGGAPGGLLTAILRAAPEAHGTLLDLPGAAARTRER
IAANGMDERIDVVGGDFFDELPVTADVVVLSFTLLNWSDPDALRILGRCRDALRPGGRIVLLERAEAPSGGTRTSDLYFS
VLDMRMLVFLGGRVRTDREWADLAAAAGLDIVGKTGPLVSPNVPLDSCLWELAPR
;
_entity_poly.pdbx_strand_id   D
#
# COMPACT_ATOMS: atom_id res chain seq x y z
N ASP A 32 -37.60 -10.76 8.93
CA ASP A 32 -37.09 -12.01 9.49
C ASP A 32 -36.04 -11.73 10.58
N ARG A 33 -36.20 -12.39 11.73
CA ARG A 33 -35.37 -12.09 12.89
C ARG A 33 -33.89 -12.35 12.59
N GLN A 34 -33.60 -13.51 11.97
CA GLN A 34 -32.21 -13.84 11.67
C GLN A 34 -31.59 -12.83 10.70
N HIS A 35 -32.33 -12.47 9.65
CA HIS A 35 -31.81 -11.50 8.68
C HIS A 35 -31.58 -10.14 9.34
N VAL A 36 -32.52 -9.68 10.15
CA VAL A 36 -32.36 -8.36 10.77
C VAL A 36 -31.14 -8.35 11.66
N ASP A 37 -30.97 -9.39 12.48
CA ASP A 37 -29.80 -9.46 13.37
C ASP A 37 -28.50 -9.49 12.55
N ALA A 38 -28.52 -10.18 11.40
CA ALA A 38 -27.33 -10.26 10.57
C ALA A 38 -26.99 -8.89 9.98
N LEU A 39 -28.01 -8.20 9.46
CA LEU A 39 -27.79 -6.89 8.85
C LEU A 39 -27.29 -5.89 9.87
N VAL A 40 -27.83 -5.93 11.09
CA VAL A 40 -27.40 -5.01 12.14
C VAL A 40 -25.95 -5.28 12.54
N ARG A 41 -25.57 -6.56 12.68
CA ARG A 41 -24.17 -6.88 12.95
C ARG A 41 -23.27 -6.36 11.84
N MET A 42 -23.73 -6.47 10.60
CA MET A 42 -22.92 -6.10 9.45
C MET A 42 -22.80 -4.59 9.32
N SER A 43 -23.74 -3.85 9.92
CA SER A 43 -23.82 -2.39 9.87
C SER A 43 -22.95 -1.72 10.92
N ASN A 44 -22.32 -2.49 11.81
CA ASN A 44 -21.64 -1.93 12.99
C ASN A 44 -20.44 -1.06 12.61
N LEU A 45 -20.52 0.26 12.84
CA LEU A 45 -19.37 1.15 12.70
C LEU A 45 -18.64 1.43 14.01
N VAL A 46 -19.28 1.16 15.14
CA VAL A 46 -18.69 1.47 16.43
C VAL A 46 -17.47 0.61 16.69
N THR A 47 -17.61 -0.71 16.58
CA THR A 47 -16.48 -1.58 16.90
C THR A 47 -15.28 -1.39 15.98
N PRO A 48 -15.41 -1.29 14.65
CA PRO A 48 -14.20 -1.06 13.85
C PRO A 48 -13.49 0.25 14.18
N MET A 49 -14.26 1.31 14.50
CA MET A 49 -13.64 2.55 14.96
C MET A 49 -13.03 2.41 16.35
N ALA A 50 -13.70 1.72 17.26
CA ALA A 50 -13.14 1.53 18.60
C ALA A 50 -11.80 0.79 18.55
N LEU A 51 -11.69 -0.21 17.67
CA LEU A 51 -10.43 -0.93 17.53
C LEU A 51 -9.33 -0.01 17.04
N ARG A 52 -9.63 0.86 16.07
CA ARG A 52 -8.60 1.74 15.56
C ARG A 52 -8.19 2.79 16.59
N VAL A 53 -9.15 3.33 17.36
CA VAL A 53 -8.79 4.28 18.40
C VAL A 53 -7.94 3.60 19.47
N ALA A 54 -8.32 2.38 19.87
CA ALA A 54 -7.53 1.65 20.87
C ALA A 54 -6.11 1.39 20.38
N ALA A 55 -5.96 0.99 19.12
CA ALA A 55 -4.64 0.77 18.55
C ALA A 55 -3.82 2.06 18.57
N THR A 56 -4.44 3.17 18.22
CA THR A 56 -3.74 4.46 18.12
C THR A 56 -3.26 4.92 19.50
N LEU A 57 -4.08 4.70 20.52
CA LEU A 57 -3.75 5.05 21.90
C LEU A 57 -2.76 4.11 22.54
N ARG A 58 -2.33 3.04 21.83
CA ARG A 58 -1.51 1.98 22.43
C ARG A 58 -2.17 1.44 23.70
N LEU A 59 -3.51 1.35 23.65
CA LEU A 59 -4.30 1.04 24.84
C LEU A 59 -3.89 -0.30 25.46
N VAL A 60 -3.78 -1.34 24.65
CA VAL A 60 -3.48 -2.66 25.20
C VAL A 60 -2.08 -2.70 25.79
N ASP A 61 -1.12 -1.99 25.17
CA ASP A 61 0.21 -1.90 25.79
C ASP A 61 0.15 -1.23 27.16
N HIS A 62 -0.63 -0.16 27.29
CA HIS A 62 -0.77 0.49 28.60
C HIS A 62 -1.40 -0.45 29.61
N LEU A 63 -2.45 -1.19 29.20
CA LEU A 63 -3.07 -2.14 30.13
C LEU A 63 -2.08 -3.21 30.57
N ARG A 64 -1.30 -3.74 29.62
CA ARG A 64 -0.32 -4.76 29.97
C ARG A 64 0.77 -4.22 30.87
N ALA A 65 0.99 -2.90 30.87
CA ALA A 65 2.00 -2.29 31.73
C ALA A 65 1.45 -1.92 33.10
N GLY A 66 0.17 -2.19 33.36
CA GLY A 66 -0.45 -1.91 34.64
C GLY A 66 -1.25 -0.63 34.71
N ALA A 67 -1.36 0.13 33.61
CA ALA A 67 -2.22 1.32 33.59
C ALA A 67 -3.59 0.88 33.11
N THR A 68 -4.37 0.29 34.03
CA THR A 68 -5.55 -0.46 33.66
C THR A 68 -6.84 0.27 33.99
N SER A 69 -6.80 1.32 34.80
CA SER A 69 -7.99 2.14 35.04
C SER A 69 -8.08 3.25 33.99
N ALA A 70 -9.31 3.75 33.80
CA ALA A 70 -9.50 4.89 32.92
C ALA A 70 -8.65 6.09 33.35
N ASP A 71 -8.53 6.32 34.67
CA ASP A 71 -7.71 7.44 35.13
C ASP A 71 -6.24 7.25 34.78
N ALA A 72 -5.71 6.03 34.99
CA ALA A 72 -4.31 5.77 34.65
C ALA A 72 -4.09 5.86 33.14
N LEU A 73 -5.08 5.40 32.36
CA LEU A 73 -4.94 5.44 30.91
C LEU A 73 -5.02 6.88 30.40
N ALA A 74 -5.84 7.72 31.04
CA ALA A 74 -5.89 9.14 30.68
C ALA A 74 -4.56 9.82 30.95
N ASP A 75 -3.91 9.49 32.07
CA ASP A 75 -2.61 10.08 32.36
C ASP A 75 -1.58 9.66 31.32
N ALA A 76 -1.64 8.41 30.86
CA ALA A 76 -0.66 7.88 29.93
C ALA A 76 -0.89 8.36 28.49
N THR A 77 -2.13 8.65 28.11
CA THR A 77 -2.45 8.96 26.71
C THR A 77 -2.82 10.41 26.46
N GLY A 78 -3.23 11.16 27.49
CA GLY A 78 -3.77 12.48 27.30
C GLY A 78 -5.24 12.53 26.94
N ALA A 79 -5.90 11.39 26.83
CA ALA A 79 -7.31 11.36 26.45
C ALA A 79 -8.22 11.52 27.66
N ASP A 80 -9.52 11.61 27.42
CA ASP A 80 -10.50 11.87 28.47
C ASP A 80 -10.83 10.60 29.25
N ALA A 81 -10.72 10.66 30.58
CA ALA A 81 -10.91 9.45 31.39
C ALA A 81 -12.32 8.87 31.24
N ASP A 82 -13.36 9.71 31.31
CA ASP A 82 -14.73 9.20 31.17
CA ASP A 82 -14.71 9.17 31.18
C ASP A 82 -14.92 8.52 29.81
N ALA A 83 -14.43 9.17 28.76
CA ALA A 83 -14.61 8.61 27.42
C ALA A 83 -13.82 7.32 27.27
N LEU A 84 -12.62 7.25 27.88
CA LEU A 84 -11.84 6.02 27.81
C LEU A 84 -12.55 4.88 28.53
N ALA A 85 -13.19 5.17 29.66
CA ALA A 85 -13.94 4.13 30.36
C ALA A 85 -15.04 3.56 29.46
N ARG A 86 -15.72 4.43 28.72
CA ARG A 86 -16.80 3.98 27.85
C ARG A 86 -16.26 3.21 26.65
N LEU A 87 -15.13 3.67 26.09
CA LEU A 87 -14.43 2.90 25.06
C LEU A 87 -14.08 1.49 25.54
N MET A 88 -13.52 1.38 26.75
CA MET A 88 -13.12 0.05 27.21
C MET A 88 -14.32 -0.83 27.56
N ARG A 89 -15.41 -0.25 28.09
CA ARG A 89 -16.66 -0.99 28.23
C ARG A 89 -17.07 -1.60 26.89
N HIS A 90 -16.99 -0.82 25.82
CA HIS A 90 -17.40 -1.33 24.53
C HIS A 90 -16.49 -2.48 24.07
N LEU A 91 -15.18 -2.27 24.16
CA LEU A 91 -14.23 -3.29 23.74
C LEU A 91 -14.33 -4.54 24.60
N ALA A 92 -14.69 -4.39 25.89
CA ALA A 92 -14.97 -5.56 26.70
C ALA A 92 -16.23 -6.29 26.20
N ALA A 93 -17.29 -5.54 25.89
CA ALA A 93 -18.47 -6.18 25.36
C ALA A 93 -18.20 -6.91 24.04
N ALA A 94 -17.23 -6.43 23.25
CA ALA A 94 -16.87 -7.06 21.97
C ALA A 94 -15.89 -8.20 22.13
N GLY A 95 -15.44 -8.50 23.35
CA GLY A 95 -14.54 -9.61 23.59
C GLY A 95 -13.06 -9.29 23.47
N VAL A 96 -12.71 -8.02 23.31
CA VAL A 96 -11.32 -7.60 23.18
C VAL A 96 -10.66 -7.41 24.54
N LEU A 97 -11.43 -6.97 25.52
CA LEU A 97 -10.95 -6.75 26.87
C LEU A 97 -11.81 -7.51 27.86
N GLU A 98 -11.28 -7.65 29.07
CA GLU A 98 -12.01 -8.14 30.23
C GLU A 98 -11.78 -7.16 31.37
N GLU A 99 -12.54 -7.31 32.46
CA GLU A 99 -12.53 -6.39 33.60
C GLU A 99 -12.22 -7.16 34.87
N PRO A 100 -10.94 -7.47 35.09
CA PRO A 100 -10.58 -8.34 36.24
C PRO A 100 -10.85 -7.71 37.60
N GLU A 101 -10.82 -6.40 37.71
CA GLU A 101 -11.19 -5.68 38.92
C GLU A 101 -12.13 -4.55 38.53
N PRO A 102 -13.04 -4.13 39.41
CA PRO A 102 -13.95 -3.03 39.05
C PRO A 102 -13.18 -1.79 38.61
N GLY A 103 -13.44 -1.35 37.38
CA GLY A 103 -12.77 -0.19 36.84
C GLY A 103 -11.40 -0.45 36.26
N HIS A 104 -10.97 -1.70 36.14
CA HIS A 104 -9.65 -2.04 35.64
C HIS A 104 -9.79 -3.07 34.52
N TYR A 105 -9.22 -2.76 33.37
CA TYR A 105 -9.36 -3.61 32.19
C TYR A 105 -8.03 -4.25 31.81
N ALA A 106 -8.12 -5.39 31.11
CA ALA A 106 -6.98 -6.16 30.65
C ALA A 106 -7.35 -6.81 29.33
N PRO A 107 -6.39 -7.06 28.43
CA PRO A 107 -6.73 -7.71 27.16
C PRO A 107 -7.09 -9.18 27.34
N THR A 108 -8.07 -9.63 26.54
CA THR A 108 -8.27 -11.05 26.33
C THR A 108 -7.16 -11.57 25.40
N GLY A 109 -7.22 -12.87 25.09
CA GLY A 109 -6.32 -13.41 24.08
C GLY A 109 -6.50 -12.73 22.74
N LEU A 110 -7.75 -12.36 22.41
CA LEU A 110 -8.01 -11.58 21.21
C LEU A 110 -7.37 -10.21 21.29
N GLY A 111 -7.59 -9.50 22.41
CA GLY A 111 -7.02 -8.18 22.58
C GLY A 111 -5.49 -8.15 22.60
N ASP A 112 -4.85 -9.26 22.95
CA ASP A 112 -3.39 -9.26 23.00
C ASP A 112 -2.77 -9.03 21.62
N LEU A 113 -3.53 -9.27 20.55
CA LEU A 113 -3.06 -8.97 19.20
C LEU A 113 -2.76 -7.48 19.02
N LEU A 114 -3.33 -6.62 19.86
CA LEU A 114 -3.07 -5.20 19.75
C LEU A 114 -1.81 -4.75 20.47
N ALA A 115 -1.09 -5.65 21.15
CA ALA A 115 0.19 -5.29 21.71
C ALA A 115 1.16 -4.91 20.58
N ASP A 116 1.94 -3.85 20.78
CA ASP A 116 2.77 -3.34 19.70
C ASP A 116 3.76 -4.39 19.19
N ASP A 117 4.24 -5.27 20.06
CA ASP A 117 5.20 -6.28 19.65
C ASP A 117 4.57 -7.61 19.20
N HIS A 118 3.26 -7.67 19.05
CA HIS A 118 2.64 -8.91 18.61
C HIS A 118 3.00 -9.19 17.15
N PRO A 119 3.33 -10.43 16.79
CA PRO A 119 3.79 -10.70 15.41
C PRO A 119 2.74 -10.45 14.35
N SER A 120 1.44 -10.36 14.71
CA SER A 120 0.43 -10.02 13.70
C SER A 120 0.54 -8.58 13.25
N ARG A 121 1.16 -7.71 14.05
CA ARG A 121 1.30 -6.29 13.76
C ARG A 121 -0.05 -5.59 13.65
N GLN A 122 -1.11 -6.20 14.20
CA GLN A 122 -2.45 -5.62 14.07
C GLN A 122 -2.53 -4.22 14.65
N ARG A 123 -1.75 -3.91 15.70
CA ARG A 123 -1.77 -2.54 16.21
C ARG A 123 -1.36 -1.56 15.14
N SER A 124 -0.33 -1.91 14.35
CA SER A 124 0.12 -1.00 13.30
C SER A 124 -0.81 -0.98 12.10
N TRP A 125 -1.46 -2.11 11.77
CA TRP A 125 -2.46 -2.12 10.71
C TRP A 125 -3.61 -1.18 11.04
N LEU A 126 -3.97 -1.06 12.32
CA LEU A 126 -5.12 -0.28 12.75
C LEU A 126 -4.78 1.14 13.18
N ASP A 127 -3.50 1.45 13.40
CA ASP A 127 -3.08 2.73 13.97
C ASP A 127 -3.44 3.89 13.04
N LEU A 128 -4.22 4.84 13.57
CA LEU A 128 -4.64 6.00 12.79
C LEU A 128 -3.48 6.96 12.49
N ASP A 129 -2.35 6.81 13.18
CA ASP A 129 -1.17 7.61 12.88
C ASP A 129 -0.19 6.90 11.94
N GLN A 130 -0.53 5.70 11.48
CA GLN A 130 0.20 5.05 10.40
C GLN A 130 -0.68 4.98 9.16
N ALA A 131 -0.10 4.54 8.06
CA ALA A 131 -0.72 4.82 6.75
C ALA A 131 -2.03 4.07 6.52
N VAL A 132 -2.19 2.86 7.05
CA VAL A 132 -3.36 2.06 6.68
C VAL A 132 -4.59 2.49 7.47
N GLY A 133 -4.46 2.65 8.79
CA GLY A 133 -5.58 3.17 9.56
C GLY A 133 -5.99 4.56 9.11
N ARG A 134 -5.02 5.43 8.85
CA ARG A 134 -5.30 6.76 8.34
C ARG A 134 -6.12 6.69 7.04
N ALA A 135 -5.69 5.83 6.12
CA ALA A 135 -6.40 5.70 4.85
C ALA A 135 -7.78 5.08 5.02
N ASP A 136 -7.91 4.11 5.93
CA ASP A 136 -9.20 3.42 6.08
C ASP A 136 -10.32 4.39 6.48
N LEU A 137 -9.98 5.48 7.19
CA LEU A 137 -11.01 6.46 7.57
C LEU A 137 -11.65 7.12 6.36
N THR A 138 -10.96 7.14 5.21
CA THR A 138 -11.57 7.66 3.99
C THR A 138 -12.79 6.87 3.56
N PHE A 139 -12.99 5.64 4.06
CA PHE A 139 -14.27 4.98 3.75
C PHE A 139 -15.47 5.77 4.27
N LEU A 140 -15.27 6.73 5.19
CA LEU A 140 -16.33 7.69 5.54
C LEU A 140 -16.93 8.37 4.32
N GLY A 141 -16.13 8.59 3.30
CA GLY A 141 -16.52 9.27 2.09
C GLY A 141 -16.92 8.32 0.97
N LEU A 142 -17.33 7.09 1.31
CA LEU A 142 -17.69 6.14 0.26
C LEU A 142 -18.82 6.66 -0.62
N ARG A 143 -19.78 7.39 -0.05
CA ARG A 143 -20.87 7.91 -0.87
C ARG A 143 -20.33 8.76 -2.02
N GLU A 144 -19.35 9.62 -1.75
CA GLU A 144 -18.81 10.47 -2.82
C GLU A 144 -17.92 9.68 -3.78
N ALA A 145 -17.21 8.66 -3.28
CA ALA A 145 -16.48 7.78 -4.19
C ALA A 145 -17.42 7.07 -5.16
N VAL A 146 -18.59 6.64 -4.67
CA VAL A 146 -19.52 5.94 -5.54
C VAL A 146 -20.21 6.92 -6.49
N ARG A 147 -20.46 8.15 -6.04
CA ARG A 147 -21.10 9.14 -6.92
C ARG A 147 -20.18 9.54 -8.07
N THR A 148 -18.89 9.72 -7.80
CA THR A 148 -17.94 10.29 -8.75
C THR A 148 -17.00 9.26 -9.38
N GLY A 149 -16.83 8.09 -8.76
CA GLY A 149 -15.80 7.16 -9.16
C GLY A 149 -14.39 7.55 -8.78
N ARG A 150 -14.19 8.68 -8.07
CA ARG A 150 -12.87 9.19 -7.74
C ARG A 150 -12.49 8.84 -6.30
N PRO A 151 -11.21 8.59 -6.04
CA PRO A 151 -10.78 8.36 -4.65
C PRO A 151 -10.97 9.61 -3.81
N GLN A 152 -11.16 9.39 -2.51
CA GLN A 152 -11.58 10.45 -1.58
C GLN A 152 -10.55 10.73 -0.51
N TYR A 153 -9.34 10.21 -0.66
CA TYR A 153 -8.28 10.47 0.30
C TYR A 153 -7.82 11.92 0.23
N GLU A 154 -7.65 12.45 -0.99
CA GLU A 154 -7.24 13.85 -1.11
C GLU A 154 -8.31 14.78 -0.56
N ALA A 155 -9.59 14.43 -0.70
CA ALA A 155 -10.65 15.25 -0.12
C ALA A 155 -10.51 15.34 1.39
N ARG A 156 -10.07 14.26 2.03
CA ARG A 156 -9.96 14.26 3.48
C ARG A 156 -8.66 14.88 3.95
N TYR A 157 -7.54 14.56 3.30
CA TYR A 157 -6.22 14.89 3.83
C TYR A 157 -5.48 15.99 3.08
N GLY A 158 -5.99 16.44 1.92
CA GLY A 158 -5.38 17.53 1.19
C GLY A 158 -4.34 17.15 0.16
N LYS A 159 -3.90 15.90 0.13
CA LYS A 159 -2.99 15.36 -0.87
C LYS A 159 -3.49 13.96 -1.19
N PRO A 160 -3.31 13.51 -2.43
CA PRO A 160 -3.65 12.11 -2.73
C PRO A 160 -2.70 11.17 -2.00
N PHE A 161 -3.09 9.89 -1.96
CA PHE A 161 -2.46 8.91 -1.07
C PHE A 161 -0.94 8.82 -1.26
N TRP A 162 -0.49 8.56 -2.49
CA TRP A 162 0.94 8.33 -2.71
C TRP A 162 1.74 9.60 -2.47
N THR A 163 1.16 10.76 -2.78
CA THR A 163 1.84 12.02 -2.52
C THR A 163 1.99 12.27 -1.02
N ASP A 164 0.94 11.95 -0.25
CA ASP A 164 1.00 12.09 1.21
C ASP A 164 2.08 11.20 1.81
N LEU A 165 2.14 9.92 1.37
CA LEU A 165 3.15 9.01 1.89
C LEU A 165 4.56 9.41 1.47
N SER A 166 4.68 10.06 0.32
CA SER A 166 6.00 10.56 -0.11
C SER A 166 6.43 11.73 0.75
N GLU A 167 5.53 12.67 1.00
CA GLU A 167 5.90 13.90 1.70
C GLU A 167 6.05 13.72 3.20
N ASP A 168 5.49 12.64 3.76
CA ASP A 168 5.51 12.36 5.20
C ASP A 168 6.31 11.08 5.43
N ASP A 169 7.57 11.26 5.86
CA ASP A 169 8.47 10.11 6.03
C ASP A 169 7.87 9.06 6.95
N GLY A 170 7.20 9.50 8.03
CA GLY A 170 6.59 8.54 8.93
C GLY A 170 5.51 7.71 8.28
N LEU A 171 4.64 8.35 7.50
CA LEU A 171 3.58 7.60 6.83
C LEU A 171 4.14 6.64 5.79
N GLY A 172 5.05 7.13 4.93
CA GLY A 172 5.60 6.27 3.90
C GLY A 172 6.36 5.09 4.49
N ALA A 173 7.18 5.36 5.51
CA ALA A 173 7.94 4.27 6.12
C ALA A 173 7.01 3.27 6.81
N SER A 174 5.91 3.75 7.41
CA SER A 174 4.99 2.81 8.06
C SER A 174 4.31 1.92 7.03
N PHE A 175 3.97 2.47 5.87
CA PHE A 175 3.38 1.66 4.82
C PHE A 175 4.37 0.61 4.33
N ASP A 176 5.61 1.03 4.08
CA ASP A 176 6.61 0.10 3.57
C ASP A 176 6.88 -1.01 4.58
N ALA A 177 6.93 -0.67 5.87
CA ALA A 177 7.17 -1.70 6.88
C ALA A 177 6.03 -2.71 6.93
N LEU A 178 4.78 -2.24 6.85
CA LEU A 178 3.66 -3.17 6.87
C LEU A 178 3.60 -4.02 5.61
N MET A 179 3.97 -3.47 4.47
CA MET A 179 3.79 -4.21 3.23
C MET A 179 4.90 -5.21 2.97
N THR A 180 5.98 -5.20 3.77
CA THR A 180 6.95 -6.28 3.67
C THR A 180 6.37 -7.60 4.15
N THR A 181 5.54 -7.58 5.20
CA THR A 181 4.96 -8.80 5.73
C THR A 181 4.04 -9.49 4.73
N ALA A 186 11.69 -11.80 -2.00
CA ALA A 186 13.03 -11.83 -2.58
C ALA A 186 12.99 -11.54 -4.09
N PHE A 187 11.79 -11.30 -4.63
CA PHE A 187 11.59 -10.96 -6.03
C PHE A 187 12.12 -12.05 -6.97
N ALA A 188 12.22 -13.29 -6.49
CA ALA A 188 12.81 -14.35 -7.29
C ALA A 188 12.00 -14.63 -8.56
N ALA A 189 10.67 -14.62 -8.46
CA ALA A 189 9.86 -14.95 -9.64
C ALA A 189 10.00 -13.91 -10.75
N PRO A 190 9.87 -12.60 -10.50
CA PRO A 190 10.05 -11.65 -11.60
C PRO A 190 11.47 -11.60 -12.15
N VAL A 191 12.49 -11.83 -11.32
CA VAL A 191 13.86 -11.87 -11.84
C VAL A 191 14.04 -13.04 -12.79
N ALA A 192 13.40 -14.17 -12.51
CA ALA A 192 13.52 -15.31 -13.40
C ALA A 192 12.62 -15.20 -14.64
N ALA A 193 11.53 -14.43 -14.58
CA ALA A 193 10.53 -14.40 -15.63
C ALA A 193 10.94 -13.57 -16.85
N TYR A 194 12.03 -12.83 -16.77
CA TYR A 194 12.49 -12.00 -17.86
C TYR A 194 14.01 -12.11 -17.92
N ASP A 195 14.55 -12.06 -19.13
CA ASP A 195 16.01 -12.12 -19.29
C ASP A 195 16.60 -10.73 -19.06
N TRP A 196 16.83 -10.41 -17.79
CA TRP A 196 17.36 -9.10 -17.43
C TRP A 196 18.82 -8.92 -17.84
N THR A 197 19.52 -10.00 -18.21
CA THR A 197 20.90 -9.87 -18.65
C THR A 197 21.04 -9.26 -20.04
N ARG A 198 19.94 -9.06 -20.76
CA ARG A 198 19.96 -8.42 -22.07
C ARG A 198 19.71 -6.92 -22.00
N ALA A 199 19.45 -6.38 -20.81
CA ALA A 199 19.13 -4.96 -20.64
C ALA A 199 20.34 -4.23 -20.07
N ARG A 200 20.88 -3.30 -20.85
CA ARG A 200 22.03 -2.53 -20.37
C ARG A 200 21.61 -1.36 -19.49
N HIS A 201 20.46 -0.74 -19.76
CA HIS A 201 20.03 0.40 -18.98
C HIS A 201 18.57 0.21 -18.62
N VAL A 202 18.27 0.20 -17.33
CA VAL A 202 16.92 -0.06 -16.82
C VAL A 202 16.44 1.17 -16.07
N LEU A 203 15.19 1.61 -16.35
CA LEU A 203 14.57 2.72 -15.64
C LEU A 203 13.32 2.18 -14.94
N ASP A 204 13.30 2.30 -13.61
CA ASP A 204 12.19 1.85 -12.78
C ASP A 204 11.32 3.06 -12.45
N VAL A 205 10.10 3.08 -12.98
CA VAL A 205 9.22 4.25 -12.92
C VAL A 205 8.23 4.02 -11.79
N GLY A 206 8.29 4.87 -10.77
CA GLY A 206 7.52 4.62 -9.55
C GLY A 206 8.16 3.52 -8.73
N GLY A 207 9.50 3.49 -8.66
CA GLY A 207 10.20 2.31 -8.17
C GLY A 207 10.43 2.24 -6.68
N ALA A 208 10.07 3.25 -5.90
CA ALA A 208 10.31 3.14 -4.45
C ALA A 208 9.50 1.98 -3.90
N PRO A 209 10.02 1.23 -2.92
CA PRO A 209 11.25 1.48 -2.17
C PRO A 209 12.52 0.85 -2.72
N GLY A 210 12.50 0.35 -3.96
CA GLY A 210 13.72 -0.06 -4.65
C GLY A 210 14.08 -1.52 -4.56
N GLY A 211 13.24 -2.35 -3.93
CA GLY A 211 13.57 -3.76 -3.79
C GLY A 211 13.68 -4.50 -5.12
N LEU A 212 12.74 -4.25 -6.03
CA LEU A 212 12.77 -4.98 -7.29
C LEU A 212 13.98 -4.61 -8.13
N LEU A 213 14.25 -3.31 -8.26
CA LEU A 213 15.38 -2.91 -9.09
C LEU A 213 16.69 -3.42 -8.50
N THR A 214 16.81 -3.41 -7.17
CA THR A 214 18.00 -3.97 -6.54
C THR A 214 18.16 -5.45 -6.87
N ALA A 215 17.06 -6.22 -6.82
CA ALA A 215 17.14 -7.64 -7.16
C ALA A 215 17.50 -7.87 -8.63
N ILE A 216 16.94 -7.07 -9.54
CA ILE A 216 17.26 -7.20 -10.96
C ILE A 216 18.76 -6.99 -11.17
N LEU A 217 19.31 -5.93 -10.57
CA LEU A 217 20.71 -5.61 -10.86
C LEU A 217 21.65 -6.58 -10.19
N ARG A 218 21.26 -7.17 -9.05
CA ARG A 218 22.13 -8.20 -8.48
C ARG A 218 22.16 -9.45 -9.34
N ALA A 219 21.15 -9.66 -10.19
CA ALA A 219 21.11 -10.79 -11.10
C ALA A 219 21.65 -10.49 -12.49
N ALA A 220 21.89 -9.22 -12.81
CA ALA A 220 22.29 -8.81 -14.16
C ALA A 220 23.51 -7.90 -14.07
N PRO A 221 24.73 -8.47 -14.11
CA PRO A 221 25.92 -7.64 -13.91
C PRO A 221 26.11 -6.53 -14.94
N GLU A 222 25.58 -6.68 -16.15
CA GLU A 222 25.81 -5.70 -17.20
C GLU A 222 24.77 -4.58 -17.21
N ALA A 223 23.85 -4.60 -16.26
CA ALA A 223 22.76 -3.62 -16.22
C ALA A 223 23.08 -2.51 -15.24
N HIS A 224 22.74 -1.28 -15.63
CA HIS A 224 22.73 -0.13 -14.73
C HIS A 224 21.30 0.37 -14.58
N GLY A 225 20.96 0.86 -13.40
CA GLY A 225 19.59 1.26 -13.09
C GLY A 225 19.43 2.74 -12.79
N THR A 226 18.25 3.26 -13.13
CA THR A 226 17.78 4.56 -12.67
C THR A 226 16.40 4.34 -12.08
N LEU A 227 16.15 4.96 -10.93
CA LEU A 227 14.86 4.81 -10.24
C LEU A 227 14.24 6.19 -10.10
N LEU A 228 12.98 6.31 -10.54
CA LEU A 228 12.23 7.56 -10.47
C LEU A 228 11.06 7.38 -9.51
N ASP A 229 10.93 8.29 -8.55
CA ASP A 229 9.75 8.32 -7.69
C ASP A 229 9.57 9.74 -7.20
N LEU A 230 8.49 10.00 -6.48
CA LEU A 230 8.27 11.33 -5.93
C LEU A 230 9.44 11.70 -5.00
N PRO A 231 9.74 12.98 -4.85
CA PRO A 231 11.01 13.36 -4.19
C PRO A 231 11.18 12.80 -2.77
N GLY A 232 10.16 12.84 -1.92
CA GLY A 232 10.31 12.32 -0.58
C GLY A 232 10.55 10.81 -0.54
N ALA A 233 9.75 10.06 -1.31
CA ALA A 233 9.95 8.62 -1.40
C ALA A 233 11.27 8.29 -2.05
N ALA A 234 11.69 9.10 -3.02
CA ALA A 234 12.96 8.87 -3.69
C ALA A 234 14.12 9.09 -2.73
N ALA A 235 14.02 10.10 -1.86
CA ALA A 235 15.10 10.34 -0.89
C ALA A 235 15.23 9.17 0.09
N ARG A 236 14.11 8.65 0.60
CA ARG A 236 14.20 7.48 1.47
C ARG A 236 14.80 6.29 0.73
N THR A 237 14.42 6.10 -0.54
CA THR A 237 14.98 5.00 -1.33
C THR A 237 16.47 5.20 -1.58
N ARG A 238 16.89 6.44 -1.82
CA ARG A 238 18.31 6.70 -2.05
C ARG A 238 19.13 6.32 -0.83
N GLU A 239 18.62 6.64 0.37
CA GLU A 239 19.32 6.25 1.60
C GLU A 239 19.38 4.74 1.74
N ARG A 240 18.28 4.05 1.44
CA ARG A 240 18.23 2.59 1.49
C ARG A 240 19.25 1.96 0.54
N ILE A 241 19.29 2.47 -0.70
CA ILE A 241 20.22 1.93 -1.69
C ILE A 241 21.66 2.13 -1.27
N ALA A 242 21.98 3.30 -0.72
CA ALA A 242 23.35 3.54 -0.27
C ALA A 242 23.73 2.61 0.87
N ALA A 243 22.81 2.40 1.81
CA ALA A 243 23.06 1.48 2.92
C ALA A 243 23.22 0.04 2.45
N ASN A 244 22.70 -0.30 1.28
CA ASN A 244 22.82 -1.63 0.70
C ASN A 244 24.00 -1.73 -0.26
N GLY A 245 24.78 -0.67 -0.42
CA GLY A 245 25.95 -0.73 -1.28
C GLY A 245 25.66 -0.74 -2.75
N MET A 246 24.45 -0.32 -3.15
CA MET A 246 24.08 -0.34 -4.57
C MET A 246 24.06 1.03 -5.22
N ASP A 247 24.68 2.04 -4.60
CA ASP A 247 24.64 3.39 -5.15
C ASP A 247 25.49 3.56 -6.42
N GLU A 248 26.43 2.65 -6.71
CA GLU A 248 27.13 2.69 -8.00
C GLU A 248 26.34 2.00 -9.10
N ARG A 249 25.33 1.19 -8.72
CA ARG A 249 24.50 0.49 -9.67
C ARG A 249 23.20 1.21 -9.99
N ILE A 250 22.73 2.08 -9.09
CA ILE A 250 21.41 2.71 -9.19
C ILE A 250 21.53 4.21 -8.94
N ASP A 251 21.07 5.02 -9.91
CA ASP A 251 20.84 6.44 -9.70
C ASP A 251 19.38 6.65 -9.31
N VAL A 252 19.13 7.43 -8.27
CA VAL A 252 17.76 7.73 -7.84
C VAL A 252 17.45 9.18 -8.21
N VAL A 253 16.29 9.38 -8.84
CA VAL A 253 15.85 10.69 -9.31
C VAL A 253 14.50 10.97 -8.68
N GLY A 254 14.36 12.15 -8.06
CA GLY A 254 13.07 12.59 -7.55
C GLY A 254 12.32 13.35 -8.62
N GLY A 255 11.07 12.97 -8.85
CA GLY A 255 10.32 13.61 -9.92
C GLY A 255 8.94 13.01 -10.03
N ASP A 256 8.25 13.39 -11.11
CA ASP A 256 6.84 13.04 -11.30
C ASP A 256 6.75 12.26 -12.60
N PHE A 257 6.19 11.05 -12.55
CA PHE A 257 6.13 10.27 -13.78
C PHE A 257 5.04 10.71 -14.77
N PHE A 258 4.25 11.74 -14.45
CA PHE A 258 3.41 12.35 -15.48
C PHE A 258 4.17 13.35 -16.34
N ASP A 259 5.39 13.70 -15.94
CA ASP A 259 6.30 14.58 -16.67
C ASP A 259 7.24 13.74 -17.54
N GLU A 260 7.95 14.41 -18.45
CA GLU A 260 9.03 13.78 -19.19
C GLU A 260 9.99 13.06 -18.25
N LEU A 261 10.32 11.81 -18.57
CA LEU A 261 11.19 11.02 -17.72
C LEU A 261 12.64 11.48 -17.84
N PRO A 262 13.46 11.27 -16.81
CA PRO A 262 14.80 11.91 -16.75
C PRO A 262 15.88 11.23 -17.59
N VAL A 263 15.68 9.99 -18.02
CA VAL A 263 16.68 9.26 -18.81
C VAL A 263 15.95 8.45 -19.86
N THR A 264 16.69 8.02 -20.87
CA THR A 264 16.23 6.95 -21.73
C THR A 264 16.76 5.63 -21.22
N ALA A 265 16.17 4.54 -21.72
CA ALA A 265 16.50 3.22 -21.19
C ALA A 265 16.15 2.14 -22.19
N ASP A 266 16.83 0.99 -22.04
CA ASP A 266 16.52 -0.19 -22.84
C ASP A 266 15.30 -0.94 -22.32
N VAL A 267 15.08 -0.92 -21.01
CA VAL A 267 13.85 -1.47 -20.45
C VAL A 267 13.33 -0.45 -19.44
N VAL A 268 12.06 -0.08 -19.58
CA VAL A 268 11.36 0.77 -18.63
C VAL A 268 10.41 -0.13 -17.88
N VAL A 269 10.53 -0.15 -16.55
CA VAL A 269 9.80 -1.07 -15.68
C VAL A 269 8.70 -0.30 -14.97
N LEU A 270 7.49 -0.83 -15.00
CA LEU A 270 6.36 -0.33 -14.22
C LEU A 270 5.88 -1.50 -13.36
N SER A 271 6.32 -1.52 -12.10
CA SER A 271 6.00 -2.62 -11.19
C SER A 271 4.93 -2.16 -10.21
N PHE A 272 3.73 -2.74 -10.32
CA PHE A 272 2.60 -2.41 -9.44
C PHE A 272 2.40 -0.90 -9.34
N THR A 273 2.46 -0.26 -10.51
CA THR A 273 2.25 1.17 -10.61
C THR A 273 0.97 1.50 -11.38
N LEU A 274 0.81 0.97 -12.59
CA LEU A 274 -0.35 1.33 -13.39
C LEU A 274 -1.66 0.92 -12.74
N LEU A 275 -1.66 -0.11 -11.89
CA LEU A 275 -2.95 -0.54 -11.35
C LEU A 275 -3.62 0.51 -10.47
N ASN A 276 -2.89 1.50 -9.95
CA ASN A 276 -3.52 2.51 -9.11
C ASN A 276 -3.93 3.77 -9.87
N TRP A 277 -4.08 3.66 -11.20
CA TRP A 277 -4.47 4.81 -12.02
C TRP A 277 -5.62 4.44 -12.95
N SER A 278 -6.47 5.43 -13.23
CA SER A 278 -7.50 5.28 -14.26
C SER A 278 -6.85 5.00 -15.61
N ASP A 279 -7.66 4.51 -16.56
CA ASP A 279 -7.11 4.30 -17.90
C ASP A 279 -6.56 5.60 -18.50
N PRO A 280 -7.23 6.75 -18.40
CA PRO A 280 -6.61 7.99 -18.94
C PRO A 280 -5.28 8.34 -18.29
N ASP A 281 -5.18 8.16 -16.97
CA ASP A 281 -3.90 8.45 -16.32
C ASP A 281 -2.84 7.40 -16.65
N ALA A 282 -3.22 6.13 -16.70
CA ALA A 282 -2.26 5.09 -17.09
C ALA A 282 -1.75 5.31 -18.51
N LEU A 283 -2.60 5.80 -19.41
CA LEU A 283 -2.14 6.13 -20.75
C LEU A 283 -1.12 7.26 -20.73
N ARG A 284 -1.31 8.25 -19.86
CA ARG A 284 -0.30 9.29 -19.74
C ARG A 284 1.04 8.73 -19.28
N ILE A 285 1.01 7.85 -18.28
CA ILE A 285 2.25 7.25 -17.78
C ILE A 285 2.92 6.40 -18.87
N LEU A 286 2.12 5.57 -19.57
CA LEU A 286 2.68 4.73 -20.64
C LEU A 286 3.28 5.58 -21.75
N GLY A 287 2.67 6.74 -22.03
CA GLY A 287 3.25 7.63 -23.03
C GLY A 287 4.62 8.15 -22.64
N ARG A 288 4.78 8.57 -21.38
CA ARG A 288 6.08 9.01 -20.90
C ARG A 288 7.11 7.89 -20.97
N CYS A 289 6.67 6.66 -20.67
CA CYS A 289 7.59 5.51 -20.72
C CYS A 289 7.97 5.15 -22.13
N ARG A 290 7.02 5.19 -23.07
CA ARG A 290 7.33 4.88 -24.46
C ARG A 290 8.30 5.92 -25.04
N ASP A 291 8.12 7.18 -24.66
CA ASP A 291 9.01 8.24 -25.13
C ASP A 291 10.44 8.05 -24.65
N ALA A 292 10.64 7.33 -23.54
CA ALA A 292 11.97 7.15 -22.97
C ALA A 292 12.69 5.91 -23.48
N LEU A 293 12.10 5.16 -24.41
CA LEU A 293 12.71 3.92 -24.88
C LEU A 293 13.82 4.20 -25.87
N ARG A 294 14.96 3.56 -25.68
CA ARG A 294 16.01 3.53 -26.68
C ARG A 294 15.59 2.61 -27.83
N PRO A 295 16.28 2.67 -28.97
CA PRO A 295 15.97 1.74 -30.07
C PRO A 295 16.02 0.31 -29.58
N GLY A 296 14.99 -0.46 -29.94
CA GLY A 296 14.89 -1.84 -29.49
C GLY A 296 14.35 -2.00 -28.08
N GLY A 297 14.01 -0.89 -27.43
CA GLY A 297 13.62 -0.96 -26.03
C GLY A 297 12.25 -1.59 -25.82
N ARG A 298 12.01 -1.97 -24.56
CA ARG A 298 10.77 -2.62 -24.16
C ARG A 298 10.27 -1.99 -22.87
N ILE A 299 8.95 -1.97 -22.68
CA ILE A 299 8.34 -1.67 -21.38
C ILE A 299 7.96 -3.00 -20.74
N VAL A 300 8.31 -3.17 -19.46
CA VAL A 300 7.96 -4.37 -18.71
C VAL A 300 7.01 -3.97 -17.59
N LEU A 301 5.83 -4.59 -17.55
CA LEU A 301 4.87 -4.41 -16.48
C LEU A 301 4.96 -5.61 -15.55
N LEU A 302 5.07 -5.36 -14.25
CA LEU A 302 4.82 -6.41 -13.26
C LEU A 302 3.53 -6.01 -12.58
N GLU A 303 2.50 -6.83 -12.73
CA GLU A 303 1.18 -6.39 -12.33
C GLU A 303 0.44 -7.51 -11.62
N ARG A 304 -0.68 -7.13 -11.02
CA ARG A 304 -1.46 -8.10 -10.29
C ARG A 304 -2.16 -8.99 -11.29
N ALA A 305 -2.25 -10.28 -10.99
CA ALA A 305 -2.91 -11.20 -11.90
C ALA A 305 -4.42 -11.00 -11.84
N GLU A 306 -5.09 -11.30 -12.96
CA GLU A 306 -6.53 -11.12 -13.10
C GLU A 306 -7.37 -11.93 -12.12
N SER A 315 -13.50 -16.03 -0.34
CA SER A 315 -12.43 -15.53 -1.20
C SER A 315 -12.88 -14.30 -1.97
N ASP A 316 -14.12 -14.29 -2.46
CA ASP A 316 -14.64 -13.10 -3.14
C ASP A 316 -14.60 -11.89 -2.22
N LEU A 317 -14.89 -12.09 -0.93
CA LEU A 317 -14.95 -10.95 -0.02
C LEU A 317 -13.59 -10.31 0.16
N TYR A 318 -12.54 -11.12 0.30
CA TYR A 318 -11.19 -10.60 0.45
C TYR A 318 -10.79 -9.77 -0.76
N PHE A 319 -10.98 -10.32 -1.96
CA PHE A 319 -10.62 -9.58 -3.18
C PHE A 319 -11.48 -8.34 -3.35
N SER A 320 -12.73 -8.38 -2.89
CA SER A 320 -13.57 -7.21 -3.02
C SER A 320 -13.16 -6.10 -2.08
N VAL A 321 -12.68 -6.45 -0.87
CA VAL A 321 -12.19 -5.41 0.03
C VAL A 321 -10.98 -4.71 -0.58
N LEU A 322 -10.06 -5.48 -1.18
CA LEU A 322 -8.93 -4.87 -1.88
C LEU A 322 -9.42 -3.93 -2.98
N ASP A 323 -10.39 -4.36 -3.77
CA ASP A 323 -10.93 -3.53 -4.83
C ASP A 323 -11.52 -2.23 -4.27
N MET A 324 -12.22 -2.32 -3.14
CA MET A 324 -12.84 -1.14 -2.56
C MET A 324 -11.78 -0.16 -2.02
N ARG A 325 -10.67 -0.68 -1.48
CA ARG A 325 -9.57 0.21 -1.10
C ARG A 325 -9.03 0.96 -2.31
N MET A 326 -8.99 0.29 -3.46
CA MET A 326 -8.54 0.92 -4.69
C MET A 326 -9.49 2.02 -5.12
N LEU A 327 -10.80 1.75 -5.06
CA LEU A 327 -11.78 2.78 -5.38
C LEU A 327 -11.63 4.00 -4.48
N VAL A 328 -11.48 3.77 -3.17
CA VAL A 328 -11.64 4.86 -2.19
C VAL A 328 -10.33 5.60 -1.92
N PHE A 329 -9.18 4.93 -1.87
CA PHE A 329 -7.98 5.73 -1.61
C PHE A 329 -6.72 5.35 -2.40
N LEU A 330 -6.52 4.09 -2.80
CA LEU A 330 -5.27 3.75 -3.51
C LEU A 330 -5.31 4.20 -4.96
N GLY A 331 -6.50 4.23 -5.54
CA GLY A 331 -6.66 4.52 -6.96
C GLY A 331 -6.75 3.26 -7.80
N GLY A 332 -7.37 3.41 -8.98
CA GLY A 332 -7.32 2.36 -9.98
C GLY A 332 -8.15 1.14 -9.66
N ARG A 333 -7.76 0.03 -10.27
CA ARG A 333 -8.48 -1.24 -10.26
C ARG A 333 -7.56 -2.28 -10.84
N VAL A 334 -7.85 -3.56 -10.58
CA VAL A 334 -7.11 -4.66 -11.21
C VAL A 334 -7.72 -4.95 -12.59
N ARG A 335 -6.90 -4.83 -13.63
CA ARG A 335 -7.36 -5.00 -15.02
C ARG A 335 -7.36 -6.46 -15.45
N THR A 336 -8.27 -6.79 -16.38
CA THR A 336 -8.21 -8.10 -17.00
C THR A 336 -7.15 -8.12 -18.09
N ASP A 337 -6.80 -9.33 -18.54
CA ASP A 337 -5.86 -9.48 -19.64
C ASP A 337 -6.34 -8.71 -20.87
N ARG A 338 -7.63 -8.78 -21.17
CA ARG A 338 -8.21 -8.02 -22.28
C ARG A 338 -8.03 -6.53 -22.07
N GLU A 339 -8.23 -6.06 -20.84
CA GLU A 339 -8.06 -4.62 -20.59
C GLU A 339 -6.61 -4.17 -20.77
N TRP A 340 -5.64 -5.01 -20.43
CA TRP A 340 -4.24 -4.61 -20.68
C TRP A 340 -3.97 -4.52 -22.17
N ALA A 341 -4.53 -5.43 -22.97
CA ALA A 341 -4.32 -5.36 -24.42
C ALA A 341 -4.94 -4.10 -24.99
N ASP A 342 -6.12 -3.73 -24.50
CA ASP A 342 -6.77 -2.50 -24.96
C ASP A 342 -5.97 -1.27 -24.55
N LEU A 343 -5.44 -1.26 -23.32
CA LEU A 343 -4.63 -0.14 -22.88
C LEU A 343 -3.36 -0.02 -23.73
N ALA A 344 -2.72 -1.16 -24.01
CA ALA A 344 -1.51 -1.14 -24.83
C ALA A 344 -1.80 -0.58 -26.21
N ALA A 345 -2.89 -1.00 -26.85
CA ALA A 345 -3.24 -0.50 -28.18
C ALA A 345 -3.45 1.00 -28.16
N ALA A 346 -4.15 1.50 -27.13
CA ALA A 346 -4.38 2.94 -27.04
C ALA A 346 -3.09 3.71 -26.79
N ALA A 347 -2.02 3.03 -26.38
CA ALA A 347 -0.73 3.68 -26.15
C ALA A 347 0.25 3.45 -27.31
N GLY A 348 -0.22 2.87 -28.41
CA GLY A 348 0.68 2.57 -29.52
C GLY A 348 1.68 1.47 -29.19
N LEU A 349 1.26 0.46 -28.42
CA LEU A 349 2.16 -0.60 -27.98
C LEU A 349 1.57 -1.96 -28.33
N ASP A 350 2.44 -2.89 -28.73
CA ASP A 350 2.10 -4.28 -28.90
C ASP A 350 2.47 -5.04 -27.63
N ILE A 351 1.62 -5.99 -27.24
CA ILE A 351 2.02 -6.97 -26.23
C ILE A 351 2.84 -8.04 -26.94
N VAL A 352 4.14 -8.11 -26.64
CA VAL A 352 5.01 -9.08 -27.27
C VAL A 352 5.32 -10.26 -26.37
N GLY A 353 4.72 -10.31 -25.19
CA GLY A 353 4.89 -11.44 -24.28
C GLY A 353 4.16 -11.26 -22.97
N LYS A 354 3.75 -12.29 -22.38
CA LYS A 354 3.15 -12.39 -21.02
C LYS A 354 3.76 -13.61 -20.34
N THR A 355 4.14 -13.50 -19.10
CA THR A 355 4.67 -14.62 -18.35
C THR A 355 4.00 -14.63 -17.02
N GLY A 356 3.17 -15.65 -16.78
CA GLY A 356 2.42 -15.71 -15.56
C GLY A 356 1.41 -16.84 -15.56
N PRO A 357 0.73 -17.04 -14.43
CA PRO A 357 0.84 -16.34 -13.15
C PRO A 357 2.14 -16.59 -12.39
N LEU A 358 2.62 -15.59 -11.66
CA LEU A 358 3.82 -15.74 -10.88
C LEU A 358 3.40 -15.88 -9.45
N VAL A 359 3.76 -17.00 -8.84
CA VAL A 359 3.32 -17.29 -7.48
C VAL A 359 4.45 -17.37 -6.46
N VAL A 363 3.24 -15.02 -0.17
CA VAL A 363 2.55 -13.89 -0.77
C VAL A 363 1.15 -14.30 -1.18
N PRO A 364 0.15 -13.54 -0.78
CA PRO A 364 -1.23 -13.95 -1.05
C PRO A 364 -1.70 -13.77 -2.49
N LEU A 365 -1.22 -12.75 -3.17
CA LEU A 365 -1.70 -12.49 -4.53
C LEU A 365 -0.71 -12.92 -5.60
N ASP A 366 -1.21 -13.23 -6.77
CA ASP A 366 -0.36 -13.62 -7.86
C ASP A 366 -0.05 -12.45 -8.78
N SER A 367 1.02 -12.61 -9.53
CA SER A 367 1.46 -11.50 -10.41
C SER A 367 1.66 -12.00 -11.83
N CYS A 368 1.80 -11.09 -12.76
CA CYS A 368 2.06 -11.33 -14.18
C CYS A 368 3.12 -10.37 -14.70
N LEU A 369 4.00 -10.85 -15.54
CA LEU A 369 4.98 -9.99 -16.19
C LEU A 369 4.60 -9.82 -17.67
N TRP A 370 4.40 -8.58 -18.08
CA TRP A 370 4.03 -8.24 -19.45
C TRP A 370 5.20 -7.52 -20.12
N GLU A 371 5.46 -7.88 -21.38
CA GLU A 371 6.48 -7.20 -22.19
C GLU A 371 5.77 -6.48 -23.32
N LEU A 372 6.00 -5.16 -23.43
CA LEU A 372 5.35 -4.29 -24.40
C LEU A 372 6.40 -3.65 -25.31
N ALA A 373 6.08 -3.54 -26.60
CA ALA A 373 6.99 -2.94 -27.56
C ALA A 373 6.26 -1.91 -28.40
N PRO A 374 6.91 -0.80 -28.76
CA PRO A 374 6.26 0.18 -29.64
C PRO A 374 5.95 -0.46 -30.99
N ARG A 375 4.79 -0.09 -31.53
CA ARG A 375 4.33 -0.63 -32.82
C ARG A 375 5.12 -0.07 -34.00
#